data_3GIR
#
_entry.id   3GIR
#
_cell.length_a   54.980
_cell.length_b   72.670
_cell.length_c   138.020
_cell.angle_alpha   90.00
_cell.angle_beta   90.00
_cell.angle_gamma   90.00
#
_symmetry.space_group_name_H-M   'P 21 21 21'
#
loop_
_entity.id
_entity.type
_entity.pdbx_description
1 polymer Aminomethyltransferase
2 non-polymer 'SODIUM ION'
3 water water
#
_entity_poly.entity_id   1
_entity_poly.type   'polypeptide(L)'
_entity_poly.pdbx_seq_one_letter_code
;MAHHHHHHMGTLEAQTQGPGSMGTSQEFETSSLKTLPLYELHEKAGAKFGAFAGWRMPLTYPLGVLKEHLHTRAHAGLFD
ISHMKLIAVEGPKAVEFLSYALPVDAALLKIGQSRYSYLLNERAGILDDLILTRLAECRFMLVANAGNAQADFAELEKRA
FGFECQVIALERVLLALQGPQAAAVLADAGLPGNELLFMQGFEPQQDWFITRSGYTGEDGFEIALPIGCARALAEKLLGD
SRVEWVGLAARDSLRLEAGLCLHGNDITPDTTPIDAALTWAVPKNVREKAQFYGAKAFLESLQKGPSRCRVGLKPQTRQP
IRAGAVLFDNEGNRIGVVTSGGFGPSFDGPVAMGYVPVAWKVEGTEVFTELRGKKIALSVHSLPFVEQRYFKG
;
_entity_poly.pdbx_strand_id   A
#
loop_
_chem_comp.id
_chem_comp.type
_chem_comp.name
_chem_comp.formula
NA non-polymer 'SODIUM ION' 'Na 1'
#
# COMPACT_ATOMS: atom_id res chain seq x y z
N SER A 32 20.75 8.33 -12.45
CA SER A 32 20.75 7.22 -11.47
C SER A 32 19.38 6.96 -10.75
N LEU A 33 18.56 8.00 -10.54
CA LEU A 33 17.13 7.70 -10.24
C LEU A 33 16.49 7.06 -11.48
N LYS A 34 15.62 6.08 -11.25
CA LYS A 34 14.86 5.49 -12.33
C LYS A 34 13.83 6.45 -12.87
N THR A 35 13.55 6.32 -14.16
CA THR A 35 12.64 7.22 -14.85
C THR A 35 11.29 6.52 -15.15
N LEU A 36 10.19 7.17 -14.83
CA LEU A 36 8.84 6.69 -15.18
C LEU A 36 8.66 6.68 -16.67
N PRO A 37 8.10 5.60 -17.17
CA PRO A 37 7.72 5.64 -18.61
C PRO A 37 6.96 6.85 -19.08
N LEU A 38 6.02 7.37 -18.27
CA LEU A 38 5.23 8.55 -18.59
C LEU A 38 5.82 9.89 -18.05
N TYR A 39 7.14 9.90 -17.78
CA TYR A 39 7.80 11.10 -17.26
C TYR A 39 7.43 12.34 -18.03
N GLU A 40 7.42 12.26 -19.39
CA GLU A 40 7.10 13.47 -20.15
C GLU A 40 5.70 14.05 -19.91
N LEU A 41 4.68 13.20 -19.64
CA LEU A 41 3.38 13.68 -19.26
C LEU A 41 3.44 14.46 -17.95
N HIS A 42 4.24 13.99 -17.02
CA HIS A 42 4.36 14.65 -15.74
C HIS A 42 5.06 15.99 -15.93
N GLU A 43 6.12 16.01 -16.71
CA GLU A 43 6.86 17.24 -17.01
C GLU A 43 5.89 18.26 -17.66
N LYS A 44 5.12 17.84 -18.67
CA LYS A 44 4.11 18.73 -19.30
C LYS A 44 3.03 19.27 -18.36
N ALA A 45 2.63 18.46 -17.36
CA ALA A 45 1.70 18.82 -16.32
C ALA A 45 2.29 19.73 -15.23
N GLY A 46 3.56 20.03 -15.35
CA GLY A 46 4.20 20.94 -14.39
C GLY A 46 4.52 20.27 -13.06
N ALA A 47 4.72 18.97 -13.05
CA ALA A 47 5.12 18.27 -11.83
C ALA A 47 6.42 18.84 -11.24
N LYS A 48 6.46 18.81 -9.92
CA LYS A 48 7.69 18.98 -9.15
C LYS A 48 8.11 17.61 -8.67
N PHE A 49 9.36 17.26 -8.92
CA PHE A 49 9.88 15.88 -8.81
C PHE A 49 10.75 15.71 -7.61
N GLY A 50 10.80 14.49 -7.09
CA GLY A 50 11.69 14.12 -6.02
C GLY A 50 11.92 12.62 -6.00
N ALA A 51 12.90 12.17 -5.24
CA ALA A 51 13.30 10.78 -5.11
C ALA A 51 12.39 10.04 -4.18
N PHE A 52 11.93 8.88 -4.64
CA PHE A 52 11.21 7.91 -3.79
C PHE A 52 11.54 6.54 -4.27
N ALA A 53 11.99 5.72 -3.33
CA ALA A 53 12.29 4.29 -3.58
C ALA A 53 13.13 4.08 -4.78
N GLY A 54 14.06 5.01 -5.03
CA GLY A 54 14.94 4.94 -6.17
C GLY A 54 14.48 5.44 -7.53
N TRP A 55 13.26 6.03 -7.52
CA TRP A 55 12.66 6.61 -8.68
C TRP A 55 12.50 8.11 -8.56
N ARG A 56 12.54 8.79 -9.70
CA ARG A 56 12.21 10.21 -9.80
C ARG A 56 10.65 10.30 -9.98
N MET A 57 9.99 10.76 -8.96
CA MET A 57 8.51 10.73 -8.92
C MET A 57 7.91 12.12 -8.84
N PRO A 58 6.72 12.32 -9.38
CA PRO A 58 6.06 13.61 -9.22
C PRO A 58 5.54 13.71 -7.80
N LEU A 59 6.11 14.63 -7.01
CA LEU A 59 5.62 14.83 -5.62
C LEU A 59 4.35 15.66 -5.54
N THR A 60 4.25 16.64 -6.43
CA THR A 60 3.09 17.51 -6.49
CA THR A 60 3.17 17.63 -6.45
C THR A 60 3.02 18.15 -7.87
N TYR A 61 1.83 18.64 -8.17
CA TYR A 61 1.54 19.33 -9.42
C TYR A 61 1.12 20.76 -9.08
N PRO A 62 0.92 21.59 -10.12
CA PRO A 62 0.49 22.96 -9.79
C PRO A 62 -0.79 23.05 -8.97
N LEU A 63 -1.69 22.07 -9.08
CA LEU A 63 -2.88 22.06 -8.26
C LEU A 63 -2.53 22.08 -6.75
N GLY A 64 -1.53 21.29 -6.37
CA GLY A 64 -0.90 21.37 -5.06
C GLY A 64 -1.36 20.28 -4.12
N VAL A 65 -0.52 20.01 -3.13
CA VAL A 65 -0.73 18.86 -2.26
CA VAL A 65 -0.73 18.87 -2.22
C VAL A 65 -2.11 18.88 -1.58
N LEU A 66 -2.57 20.03 -1.12
CA LEU A 66 -3.87 20.13 -0.47
C LEU A 66 -5.04 19.84 -1.43
N LYS A 67 -5.10 20.55 -2.54
CA LYS A 67 -6.21 20.45 -3.47
C LYS A 67 -6.17 19.10 -4.22
N GLU A 68 -5.02 18.50 -4.40
CA GLU A 68 -4.93 17.19 -5.05
C GLU A 68 -5.57 16.12 -4.14
N HIS A 69 -5.23 16.21 -2.84
CA HIS A 69 -5.86 15.36 -1.85
C HIS A 69 -7.37 15.50 -1.85
N LEU A 70 -7.83 16.75 -1.68
CA LEU A 70 -9.25 17.03 -1.64
C LEU A 70 -9.92 16.64 -2.94
N HIS A 71 -9.26 16.84 -4.07
CA HIS A 71 -9.79 16.43 -5.37
C HIS A 71 -10.11 14.96 -5.45
N THR A 72 -9.24 14.12 -4.87
CA THR A 72 -9.38 12.68 -4.91
C THR A 72 -10.60 12.25 -4.12
N ARG A 73 -10.83 12.92 -2.99
CA ARG A 73 -11.97 12.54 -2.16
C ARG A 73 -13.32 13.04 -2.72
N ALA A 74 -13.28 14.07 -3.56
CA ALA A 74 -14.49 14.69 -4.14
C ALA A 74 -14.82 14.26 -5.56
N HIS A 75 -13.82 13.75 -6.30
CA HIS A 75 -13.89 13.60 -7.74
C HIS A 75 -13.14 12.31 -8.16
N ALA A 76 -12.10 12.43 -8.97
CA ALA A 76 -11.29 11.26 -9.36
C ALA A 76 -9.85 11.73 -9.55
N GLY A 77 -8.93 11.10 -8.83
CA GLY A 77 -7.52 11.40 -8.94
C GLY A 77 -6.82 10.30 -9.69
N LEU A 78 -5.92 10.69 -10.55
CA LEU A 78 -5.10 9.77 -11.36
C LEU A 78 -3.68 9.81 -10.81
N PHE A 79 -3.16 8.64 -10.47
CA PHE A 79 -1.85 8.47 -9.87
C PHE A 79 -1.01 7.57 -10.77
N ASP A 80 0.19 8.04 -11.13
CA ASP A 80 1.12 7.20 -11.82
C ASP A 80 1.94 6.45 -10.79
N ILE A 81 1.68 5.14 -10.68
CA ILE A 81 2.30 4.25 -9.73
C ILE A 81 3.10 3.16 -10.47
N SER A 82 3.74 3.57 -11.58
CA SER A 82 4.50 2.68 -12.44
C SER A 82 5.81 2.27 -11.81
N HIS A 83 6.15 2.82 -10.65
CA HIS A 83 7.30 2.42 -9.85
C HIS A 83 7.04 1.12 -9.12
N MET A 84 5.78 0.79 -8.89
CA MET A 84 5.38 -0.53 -8.36
CA MET A 84 5.43 -0.52 -8.35
C MET A 84 5.65 -1.59 -9.42
N LYS A 85 5.69 -2.85 -8.98
CA LYS A 85 6.09 -3.96 -9.84
C LYS A 85 5.09 -5.08 -9.80
N LEU A 86 4.67 -5.50 -10.98
CA LEU A 86 3.80 -6.67 -11.14
C LEU A 86 4.70 -7.87 -11.37
N ILE A 87 4.48 -8.92 -10.60
CA ILE A 87 5.15 -10.16 -10.78
C ILE A 87 4.07 -11.24 -11.02
N ALA A 88 4.18 -11.90 -12.19
CA ALA A 88 3.27 -13.03 -12.52
C ALA A 88 3.84 -14.32 -11.95
N VAL A 89 2.95 -15.15 -11.48
CA VAL A 89 3.35 -16.47 -10.94
C VAL A 89 2.45 -17.47 -11.69
N GLU A 90 3.06 -18.38 -12.45
CA GLU A 90 2.37 -19.21 -13.43
CA GLU A 90 2.28 -19.28 -13.29
C GLU A 90 2.99 -20.61 -13.44
N GLY A 91 2.18 -21.64 -13.43
CA GLY A 91 2.66 -23.00 -13.70
C GLY A 91 1.82 -23.97 -12.92
N PRO A 92 2.06 -25.26 -13.14
CA PRO A 92 1.12 -26.22 -12.59
C PRO A 92 1.12 -26.33 -11.09
N LYS A 93 2.20 -25.93 -10.45
CA LYS A 93 2.27 -25.93 -9.01
C LYS A 93 2.32 -24.52 -8.41
N ALA A 94 1.77 -23.54 -9.15
CA ALA A 94 1.68 -22.16 -8.60
C ALA A 94 0.98 -22.08 -7.28
N VAL A 95 -0.14 -22.78 -7.13
CA VAL A 95 -0.87 -22.82 -5.85
C VAL A 95 -0.03 -23.26 -4.65
N GLU A 96 0.69 -24.38 -4.79
CA GLU A 96 1.51 -24.87 -3.75
C GLU A 96 2.73 -23.94 -3.46
N PHE A 97 3.31 -23.39 -4.51
CA PHE A 97 4.37 -22.47 -4.33
C PHE A 97 3.91 -21.24 -3.47
N LEU A 98 2.77 -20.68 -3.85
CA LEU A 98 2.25 -19.48 -3.18
C LEU A 98 1.91 -19.73 -1.75
N SER A 99 1.39 -20.91 -1.45
CA SER A 99 1.05 -21.23 -0.05
C SER A 99 2.26 -21.52 0.82
N TYR A 100 3.40 -21.76 0.21
CA TYR A 100 4.68 -21.81 0.92
C TYR A 100 5.34 -20.45 1.05
N ALA A 101 5.34 -19.69 -0.06
CA ALA A 101 6.05 -18.42 -0.06
C ALA A 101 5.41 -17.40 0.81
N LEU A 102 4.07 -17.41 0.83
CA LEU A 102 3.28 -16.39 1.54
C LEU A 102 2.31 -17.06 2.49
N PRO A 103 1.85 -16.32 3.51
CA PRO A 103 0.86 -16.89 4.45
C PRO A 103 -0.57 -16.81 3.91
N VAL A 104 -0.84 -17.57 2.86
CA VAL A 104 -2.12 -17.60 2.16
C VAL A 104 -2.49 -19.05 1.91
N ASP A 105 -3.77 -19.31 1.75
CA ASP A 105 -4.21 -20.59 1.17
C ASP A 105 -4.62 -20.29 -0.27
N ALA A 106 -3.63 -20.38 -1.16
CA ALA A 106 -3.80 -19.99 -2.53
C ALA A 106 -4.87 -20.86 -3.24
N ALA A 107 -5.06 -22.10 -2.78
CA ALA A 107 -6.03 -22.99 -3.40
C ALA A 107 -7.44 -22.46 -3.15
N LEU A 108 -7.67 -21.84 -1.99
CA LEU A 108 -9.02 -21.33 -1.65
C LEU A 108 -9.32 -19.98 -2.30
N LEU A 109 -8.30 -19.23 -2.72
CA LEU A 109 -8.56 -17.94 -3.38
C LEU A 109 -9.35 -18.17 -4.66
N LYS A 110 -10.48 -17.51 -4.83
CA LYS A 110 -11.25 -17.70 -6.03
C LYS A 110 -10.59 -16.95 -7.18
N ILE A 111 -10.76 -17.47 -8.38
CA ILE A 111 -10.33 -16.73 -9.57
C ILE A 111 -11.00 -15.34 -9.57
N GLY A 112 -10.21 -14.31 -9.83
CA GLY A 112 -10.63 -12.93 -9.72
C GLY A 112 -10.48 -12.23 -8.38
N GLN A 113 -10.17 -12.98 -7.32
CA GLN A 113 -10.10 -12.46 -5.98
CA GLN A 113 -10.11 -12.43 -5.98
C GLN A 113 -8.68 -12.02 -5.67
N SER A 114 -8.59 -10.89 -4.99
CA SER A 114 -7.34 -10.31 -4.49
C SER A 114 -7.29 -10.41 -2.97
N ARG A 115 -6.10 -10.57 -2.42
CA ARG A 115 -5.89 -10.58 -0.95
C ARG A 115 -4.64 -9.82 -0.62
N TYR A 116 -4.72 -9.06 0.47
CA TYR A 116 -3.56 -8.42 1.05
C TYR A 116 -2.76 -9.46 1.78
N SER A 117 -1.45 -9.45 1.59
CA SER A 117 -0.57 -10.40 2.25
C SER A 117 0.82 -9.78 2.44
N TYR A 118 1.76 -10.63 2.83
CA TYR A 118 3.14 -10.16 3.02
C TYR A 118 4.13 -11.29 2.90
N LEU A 119 5.30 -10.94 2.40
CA LEU A 119 6.43 -11.84 2.32
C LEU A 119 7.15 -11.74 3.68
N LEU A 120 7.27 -12.85 4.41
CA LEU A 120 7.92 -12.82 5.72
C LEU A 120 9.27 -13.44 5.65
N ASN A 121 10.18 -12.93 6.47
CA ASN A 121 11.44 -13.64 6.71
C ASN A 121 11.28 -14.70 7.77
N GLU A 122 12.41 -15.39 8.11
CA GLU A 122 12.40 -16.55 8.99
C GLU A 122 11.95 -16.17 10.41
N ARG A 123 12.09 -14.89 10.76
CA ARG A 123 11.71 -14.34 12.06
C ARG A 123 10.37 -13.64 12.03
N ALA A 124 9.67 -13.85 10.92
CA ALA A 124 8.33 -13.28 10.67
C ALA A 124 8.33 -11.78 10.56
N GLY A 125 9.50 -11.16 10.29
CA GLY A 125 9.52 -9.76 9.91
C GLY A 125 9.01 -9.60 8.48
N ILE A 126 8.47 -8.43 8.18
CA ILE A 126 7.82 -8.19 6.91
C ILE A 126 8.81 -7.68 5.89
N LEU A 127 9.22 -8.55 4.95
CA LEU A 127 10.11 -8.12 3.85
C LEU A 127 9.40 -7.13 2.90
N ASP A 128 8.13 -7.34 2.66
CA ASP A 128 7.28 -6.48 1.81
C ASP A 128 5.85 -6.86 2.04
N ASP A 129 4.97 -5.88 1.91
CA ASP A 129 3.54 -6.20 1.84
C ASP A 129 3.13 -6.21 0.37
N LEU A 130 2.13 -7.04 0.06
CA LEU A 130 1.87 -7.38 -1.35
C LEU A 130 0.38 -7.55 -1.52
N ILE A 131 -0.14 -7.45 -2.75
CA ILE A 131 -1.46 -7.89 -3.07
C ILE A 131 -1.32 -9.02 -4.08
N LEU A 132 -1.98 -10.15 -3.73
CA LEU A 132 -2.01 -11.37 -4.55
C LEU A 132 -3.41 -11.51 -5.17
N THR A 133 -3.48 -11.70 -6.49
CA THR A 133 -4.76 -11.89 -7.22
C THR A 133 -4.69 -13.14 -8.01
N ARG A 134 -5.70 -13.99 -7.91
CA ARG A 134 -5.77 -15.17 -8.74
C ARG A 134 -6.43 -14.83 -10.05
N LEU A 135 -5.78 -15.19 -11.13
CA LEU A 135 -6.26 -14.87 -12.49
C LEU A 135 -6.81 -16.08 -13.24
N ALA A 136 -6.37 -17.27 -12.83
CA ALA A 136 -6.79 -18.53 -13.47
C ALA A 136 -6.43 -19.67 -12.52
N GLU A 137 -6.76 -20.89 -12.91
CA GLU A 137 -6.44 -22.00 -12.06
C GLU A 137 -4.92 -22.02 -11.77
N CYS A 138 -4.05 -21.71 -12.74
CA CYS A 138 -2.61 -21.80 -12.47
C CYS A 138 -1.91 -20.52 -12.73
N ARG A 139 -2.62 -19.39 -12.56
CA ARG A 139 -2.00 -18.08 -12.86
C ARG A 139 -2.40 -17.08 -11.81
N PHE A 140 -1.40 -16.39 -11.28
CA PHE A 140 -1.62 -15.36 -10.23
C PHE A 140 -0.78 -14.13 -10.53
N MET A 141 -1.13 -13.03 -9.91
CA MET A 141 -0.39 -11.78 -10.06
C MET A 141 -0.10 -11.30 -8.63
N LEU A 142 1.11 -10.80 -8.44
CA LEU A 142 1.52 -10.09 -7.23
C LEU A 142 1.86 -8.66 -7.61
N VAL A 143 1.49 -7.72 -6.75
CA VAL A 143 2.00 -6.34 -6.90
C VAL A 143 2.89 -6.01 -5.71
N ALA A 144 4.13 -5.64 -6.01
CA ALA A 144 5.23 -5.41 -5.05
C ALA A 144 5.50 -3.93 -4.95
N ASN A 145 5.95 -3.49 -3.78
CA ASN A 145 6.36 -2.10 -3.67
C ASN A 145 7.60 -1.74 -4.39
N ALA A 146 7.72 -0.47 -4.80
CA ALA A 146 8.84 -0.01 -5.58
C ALA A 146 10.21 -0.31 -4.96
N GLY A 147 10.36 0.00 -3.71
CA GLY A 147 11.69 -0.16 -3.09
C GLY A 147 12.17 -1.58 -2.92
N ASN A 148 11.21 -2.48 -2.95
CA ASN A 148 11.42 -3.88 -2.66
C ASN A 148 11.28 -4.80 -3.82
N ALA A 149 11.03 -4.28 -5.01
CA ALA A 149 10.64 -5.12 -6.15
C ALA A 149 11.75 -6.10 -6.52
N GLN A 150 12.97 -5.60 -6.59
CA GLN A 150 14.10 -6.47 -6.95
C GLN A 150 14.35 -7.54 -5.90
N ALA A 151 14.42 -7.16 -4.64
CA ALA A 151 14.57 -8.14 -3.51
C ALA A 151 13.43 -9.11 -3.41
N ASP A 152 12.18 -8.65 -3.58
CA ASP A 152 11.01 -9.55 -3.55
C ASP A 152 11.15 -10.57 -4.66
N PHE A 153 11.44 -10.15 -5.89
CA PHE A 153 11.59 -11.07 -7.00
C PHE A 153 12.69 -12.11 -6.71
N ALA A 154 13.82 -11.67 -6.18
CA ALA A 154 14.92 -12.63 -5.91
C ALA A 154 14.51 -13.66 -4.86
N GLU A 155 13.81 -13.21 -3.84
CA GLU A 155 13.39 -14.08 -2.78
C GLU A 155 12.28 -15.04 -3.22
N LEU A 156 11.34 -14.55 -4.03
CA LEU A 156 10.28 -15.43 -4.54
C LEU A 156 10.86 -16.54 -5.42
N GLU A 157 11.82 -16.16 -6.25
CA GLU A 157 12.53 -17.09 -7.15
C GLU A 157 13.24 -18.18 -6.34
N LYS A 158 13.87 -17.82 -5.22
CA LYS A 158 14.48 -18.84 -4.39
C LYS A 158 13.44 -19.74 -3.72
N ARG A 159 12.35 -19.18 -3.22
CA ARG A 159 11.28 -20.02 -2.61
C ARG A 159 10.58 -20.92 -3.64
N ALA A 160 10.69 -20.56 -4.92
CA ALA A 160 10.17 -21.35 -6.02
C ALA A 160 11.11 -22.47 -6.50
N PHE A 161 12.32 -22.52 -5.97
CA PHE A 161 13.31 -23.53 -6.46
C PHE A 161 12.72 -24.95 -6.49
N GLY A 162 12.04 -25.32 -5.42
CA GLY A 162 11.45 -26.67 -5.41
C GLY A 162 10.22 -26.90 -6.30
N PHE A 163 9.59 -25.82 -6.78
CA PHE A 163 8.26 -25.97 -7.33
C PHE A 163 8.23 -25.87 -8.81
N GLU A 164 7.27 -26.55 -9.41
CA GLU A 164 7.09 -26.44 -10.88
CA GLU A 164 7.05 -26.46 -10.86
C GLU A 164 6.20 -25.24 -11.19
N CYS A 165 6.81 -24.09 -11.17
CA CYS A 165 6.12 -22.81 -11.32
CA CYS A 165 6.13 -22.88 -11.53
C CYS A 165 7.16 -21.83 -11.82
N GLN A 166 6.72 -20.78 -12.49
CA GLN A 166 7.61 -19.71 -12.89
C GLN A 166 7.19 -18.38 -12.24
N VAL A 167 8.17 -17.55 -11.94
CA VAL A 167 7.99 -16.21 -11.39
C VAL A 167 8.58 -15.28 -12.43
N ILE A 168 7.79 -14.29 -12.87
CA ILE A 168 8.16 -13.43 -13.98
C ILE A 168 7.89 -11.95 -13.60
N ALA A 169 8.93 -11.11 -13.65
CA ALA A 169 8.78 -9.67 -13.42
C ALA A 169 8.26 -9.05 -14.71
N LEU A 170 7.16 -8.32 -14.65
CA LEU A 170 6.55 -7.74 -15.83
C LEU A 170 6.94 -6.29 -16.01
N GLU A 171 7.02 -5.89 -17.27
CA GLU A 171 7.23 -4.47 -17.63
CA GLU A 171 7.24 -4.47 -17.63
C GLU A 171 5.87 -3.84 -17.92
N ARG A 172 5.46 -2.94 -17.04
CA ARG A 172 4.16 -2.32 -17.13
C ARG A 172 4.12 -0.91 -16.65
N VAL A 173 3.15 -0.17 -17.15
CA VAL A 173 2.69 1.06 -16.49
C VAL A 173 1.57 0.65 -15.58
N LEU A 174 1.49 1.28 -14.43
CA LEU A 174 0.44 1.06 -13.47
C LEU A 174 -0.12 2.43 -13.09
N LEU A 175 -1.42 2.60 -13.25
CA LEU A 175 -2.15 3.84 -12.95
C LEU A 175 -3.18 3.51 -11.91
N ALA A 176 -3.38 4.36 -10.91
CA ALA A 176 -4.51 4.26 -10.02
C ALA A 176 -5.48 5.39 -10.33
N LEU A 177 -6.77 5.05 -10.34
CA LEU A 177 -7.86 6.03 -10.62
C LEU A 177 -8.77 5.89 -9.41
N GLN A 178 -8.83 6.91 -8.56
CA GLN A 178 -9.39 6.81 -7.21
C GLN A 178 -10.32 7.96 -6.90
N GLY A 179 -11.42 7.67 -6.18
CA GLY A 179 -12.36 8.66 -5.76
C GLY A 179 -13.82 8.27 -6.07
N PRO A 180 -14.75 9.11 -5.60
CA PRO A 180 -16.16 8.80 -5.82
C PRO A 180 -16.63 8.87 -7.22
N GLN A 181 -15.89 9.53 -8.09
CA GLN A 181 -16.23 9.56 -9.50
C GLN A 181 -15.41 8.63 -10.36
N ALA A 182 -14.51 7.88 -9.74
CA ALA A 182 -13.62 7.03 -10.52
C ALA A 182 -14.36 6.01 -11.38
N ALA A 183 -15.37 5.33 -10.83
CA ALA A 183 -16.16 4.33 -11.53
C ALA A 183 -16.89 4.92 -12.72
N ALA A 184 -17.40 6.12 -12.56
CA ALA A 184 -18.09 6.78 -13.64
C ALA A 184 -17.13 7.19 -14.75
N VAL A 185 -15.93 7.69 -14.36
CA VAL A 185 -14.89 8.04 -15.31
C VAL A 185 -14.48 6.78 -16.11
N LEU A 186 -14.27 5.67 -15.41
CA LEU A 186 -13.88 4.44 -16.03
C LEU A 186 -14.91 4.03 -17.09
N ALA A 187 -16.16 4.00 -16.69
CA ALA A 187 -17.30 3.67 -17.64
C ALA A 187 -17.31 4.62 -18.84
N ASP A 188 -17.19 5.91 -18.60
CA ASP A 188 -17.27 6.87 -19.72
C ASP A 188 -16.06 6.82 -20.63
N ALA A 189 -14.94 6.28 -20.15
CA ALA A 189 -13.76 6.07 -20.97
C ALA A 189 -13.86 4.78 -21.79
N GLY A 190 -14.96 4.04 -21.61
CA GLY A 190 -15.14 2.76 -22.29
C GLY A 190 -14.37 1.60 -21.78
N LEU A 191 -13.91 1.69 -20.52
CA LEU A 191 -13.15 0.62 -19.94
C LEU A 191 -14.04 -0.22 -19.02
N PRO A 192 -13.91 -1.54 -19.07
CA PRO A 192 -14.63 -2.44 -18.19
C PRO A 192 -14.00 -2.41 -16.78
N GLY A 193 -14.80 -2.80 -15.80
CA GLY A 193 -14.38 -2.91 -14.41
C GLY A 193 -15.45 -2.49 -13.41
N ASN A 194 -16.49 -1.79 -13.87
CA ASN A 194 -17.54 -1.43 -12.98
C ASN A 194 -18.29 -2.64 -12.37
N GLU A 195 -18.16 -3.79 -13.03
CA GLU A 195 -18.72 -5.07 -12.54
C GLU A 195 -17.92 -5.74 -11.42
N LEU A 196 -16.67 -5.29 -11.18
CA LEU A 196 -15.89 -5.83 -10.12
C LEU A 196 -16.47 -5.44 -8.75
N LEU A 197 -16.30 -6.29 -7.79
CA LEU A 197 -16.48 -5.96 -6.40
C LEU A 197 -15.13 -5.43 -5.86
N PHE A 198 -15.16 -4.75 -4.73
CA PHE A 198 -13.90 -4.45 -4.01
C PHE A 198 -13.02 -5.65 -3.83
N MET A 199 -11.74 -5.44 -4.12
CA MET A 199 -10.68 -6.45 -4.10
C MET A 199 -10.86 -7.64 -5.05
N GLN A 200 -11.48 -7.37 -6.18
CA GLN A 200 -11.51 -8.25 -7.34
C GLN A 200 -10.70 -7.67 -8.46
N GLY A 201 -10.28 -8.52 -9.36
CA GLY A 201 -9.51 -8.14 -10.53
C GLY A 201 -9.78 -9.04 -11.70
N PHE A 202 -9.39 -8.60 -12.87
CA PHE A 202 -9.57 -9.37 -14.11
C PHE A 202 -8.63 -8.84 -15.19
N GLU A 203 -8.62 -9.53 -16.34
CA GLU A 203 -7.79 -9.13 -17.47
C GLU A 203 -8.71 -8.81 -18.62
N PRO A 204 -8.98 -7.52 -18.86
CA PRO A 204 -9.95 -7.15 -19.96
C PRO A 204 -9.40 -7.29 -21.36
N GLN A 205 -8.08 -7.39 -21.49
CA GLN A 205 -7.38 -7.58 -22.74
C GLN A 205 -6.07 -8.26 -22.41
N GLN A 206 -5.51 -8.99 -23.33
CA GLN A 206 -4.20 -9.49 -23.21
C GLN A 206 -3.18 -8.46 -22.62
N ASP A 207 -2.47 -8.87 -21.59
CA ASP A 207 -1.44 -8.07 -20.92
C ASP A 207 -2.01 -6.85 -20.12
N TRP A 208 -3.32 -6.75 -19.98
CA TRP A 208 -3.91 -5.70 -19.17
C TRP A 208 -4.40 -6.37 -17.88
N PHE A 209 -4.38 -5.66 -16.76
CA PHE A 209 -4.87 -6.18 -15.48
C PHE A 209 -5.58 -5.06 -14.77
N ILE A 210 -6.87 -5.20 -14.42
CA ILE A 210 -7.59 -4.16 -13.72
C ILE A 210 -8.12 -4.73 -12.44
N THR A 211 -7.92 -3.98 -11.35
CA THR A 211 -8.43 -4.34 -10.03
C THR A 211 -9.25 -3.19 -9.46
N ARG A 212 -10.26 -3.52 -8.65
CA ARG A 212 -11.02 -2.53 -7.92
C ARG A 212 -10.40 -2.47 -6.52
N SER A 213 -9.37 -1.66 -6.39
CA SER A 213 -8.58 -1.59 -5.16
C SER A 213 -7.83 -0.23 -5.21
N GLY A 214 -7.04 0.04 -4.16
CA GLY A 214 -6.19 1.23 -4.22
C GLY A 214 -5.54 1.47 -2.88
N TYR A 215 -5.16 2.71 -2.65
CA TYR A 215 -4.42 3.11 -1.49
C TYR A 215 -4.92 4.40 -0.90
N THR A 216 -6.25 4.64 -0.97
CA THR A 216 -6.84 5.91 -0.66
C THR A 216 -7.95 5.84 0.43
N GLY A 217 -8.55 4.68 0.57
CA GLY A 217 -9.79 4.54 1.39
C GLY A 217 -11.04 4.96 0.63
N GLU A 218 -10.90 5.34 -0.63
CA GLU A 218 -12.02 5.61 -1.53
C GLU A 218 -12.32 4.41 -2.39
N ASP A 219 -13.45 4.46 -3.15
CA ASP A 219 -13.60 3.57 -4.30
C ASP A 219 -12.49 3.89 -5.29
N GLY A 220 -12.18 2.96 -6.21
CA GLY A 220 -11.11 3.20 -7.15
C GLY A 220 -10.67 1.94 -7.81
N PHE A 221 -9.75 2.13 -8.76
CA PHE A 221 -9.26 1.12 -9.62
C PHE A 221 -7.77 1.25 -9.78
N GLU A 222 -7.12 0.15 -10.10
CA GLU A 222 -5.72 0.16 -10.59
C GLU A 222 -5.72 -0.52 -11.96
N ILE A 223 -5.00 0.07 -12.89
CA ILE A 223 -4.92 -0.45 -14.27
C ILE A 223 -3.43 -0.65 -14.63
N ALA A 224 -3.05 -1.88 -15.00
CA ALA A 224 -1.71 -2.23 -15.39
C ALA A 224 -1.79 -2.59 -16.87
N LEU A 225 -0.90 -2.02 -17.65
CA LEU A 225 -0.91 -2.28 -19.09
C LEU A 225 0.46 -2.13 -19.67
N PRO A 226 0.66 -2.66 -20.90
CA PRO A 226 1.93 -2.51 -21.53
C PRO A 226 2.35 -1.05 -21.67
N ILE A 227 3.63 -0.82 -21.60
CA ILE A 227 4.22 0.52 -21.68
C ILE A 227 3.85 1.28 -22.97
N GLY A 228 3.80 0.58 -24.09
CA GLY A 228 3.46 1.25 -25.35
C GLY A 228 2.03 1.70 -25.50
N CYS A 229 1.13 1.22 -24.64
CA CYS A 229 -0.28 1.59 -24.65
C CYS A 229 -0.65 2.67 -23.65
N ALA A 230 0.32 3.00 -22.78
CA ALA A 230 -0.01 3.73 -21.58
C ALA A 230 -0.20 5.18 -21.78
N ARG A 231 0.63 5.85 -22.59
CA ARG A 231 0.51 7.30 -22.72
C ARG A 231 -0.85 7.68 -23.23
N ALA A 232 -1.32 6.97 -24.26
CA ALA A 232 -2.64 7.22 -24.76
C ALA A 232 -3.76 7.03 -23.73
N LEU A 233 -3.73 5.98 -22.93
CA LEU A 233 -4.70 5.77 -21.92
C LEU A 233 -4.68 6.91 -20.88
N ALA A 234 -3.50 7.24 -20.42
CA ALA A 234 -3.41 8.31 -19.43
C ALA A 234 -3.94 9.62 -19.93
N GLU A 235 -3.66 9.97 -21.18
CA GLU A 235 -4.20 11.19 -21.76
C GLU A 235 -5.70 11.10 -21.89
N LYS A 236 -6.23 9.96 -22.31
CA LYS A 236 -7.70 9.76 -22.36
C LYS A 236 -8.38 9.94 -21.02
N LEU A 237 -7.81 9.37 -19.94
CA LEU A 237 -8.42 9.55 -18.63
C LEU A 237 -8.30 10.99 -18.11
N LEU A 238 -7.15 11.60 -18.31
CA LEU A 238 -6.95 13.01 -17.90
C LEU A 238 -7.84 14.00 -18.60
N GLY A 239 -8.20 13.66 -19.82
CA GLY A 239 -9.12 14.46 -20.63
C GLY A 239 -10.49 14.60 -19.99
N ASP A 240 -10.85 13.73 -19.08
CA ASP A 240 -12.14 13.79 -18.39
C ASP A 240 -12.07 14.95 -17.40
N SER A 241 -13.09 15.80 -17.36
CA SER A 241 -13.01 16.99 -16.52
C SER A 241 -13.04 16.66 -15.00
N ARG A 242 -13.38 15.44 -14.64
CA ARG A 242 -13.41 14.99 -13.24
C ARG A 242 -12.00 14.54 -12.74
N VAL A 243 -11.04 14.42 -13.67
CA VAL A 243 -9.76 13.76 -13.37
C VAL A 243 -8.61 14.79 -13.35
N GLU A 244 -7.81 14.69 -12.30
CA GLU A 244 -6.54 15.40 -12.24
C GLU A 244 -5.45 14.44 -11.82
N TRP A 245 -4.23 14.72 -12.21
CA TRP A 245 -3.07 14.03 -11.65
C TRP A 245 -2.86 14.41 -10.16
N VAL A 246 -2.54 13.37 -9.37
CA VAL A 246 -2.26 13.51 -7.95
C VAL A 246 -0.81 13.03 -7.73
N GLY A 247 -0.03 13.79 -6.99
CA GLY A 247 1.36 13.51 -6.69
C GLY A 247 1.57 12.66 -5.47
N LEU A 248 2.80 12.25 -5.24
CA LEU A 248 3.12 11.37 -4.11
C LEU A 248 2.82 11.98 -2.77
N ALA A 249 2.93 13.32 -2.62
CA ALA A 249 2.63 13.96 -1.33
C ALA A 249 1.18 13.74 -0.93
N ALA A 250 0.28 13.97 -1.87
CA ALA A 250 -1.12 13.75 -1.62
C ALA A 250 -1.42 12.27 -1.52
N ARG A 251 -0.76 11.43 -2.35
CA ARG A 251 -0.90 9.98 -2.17
C ARG A 251 -0.63 9.58 -0.71
N ASP A 252 0.44 10.15 -0.15
CA ASP A 252 0.77 9.88 1.23
C ASP A 252 -0.28 10.38 2.26
N SER A 253 -0.81 11.59 2.12
CA SER A 253 -1.80 12.10 3.04
C SER A 253 -3.09 11.30 2.94
N LEU A 254 -3.43 10.89 1.71
CA LEU A 254 -4.61 10.05 1.56
C LEU A 254 -4.48 8.73 2.27
N ARG A 255 -3.42 8.00 2.00
CA ARG A 255 -3.25 6.71 2.59
C ARG A 255 -3.14 6.78 4.11
N LEU A 256 -2.48 7.82 4.61
CA LEU A 256 -2.30 7.96 6.05
C LEU A 256 -3.62 8.26 6.76
N GLU A 257 -4.43 9.13 6.19
CA GLU A 257 -5.87 9.29 6.66
C GLU A 257 -6.65 7.97 6.70
N ALA A 258 -6.44 7.13 5.68
CA ALA A 258 -7.08 5.81 5.54
C ALA A 258 -6.52 4.71 6.45
N GLY A 259 -5.50 5.04 7.20
CA GLY A 259 -4.86 4.10 8.09
C GLY A 259 -3.99 3.04 7.47
N LEU A 260 -3.52 3.27 6.24
CA LEU A 260 -2.82 2.27 5.49
C LEU A 260 -1.35 2.33 5.72
N CYS A 261 -0.70 1.18 5.81
CA CYS A 261 0.77 1.16 6.04
C CYS A 261 1.57 1.46 4.81
N LEU A 262 2.75 2.07 5.02
CA LEU A 262 3.73 2.24 3.97
C LEU A 262 4.97 1.43 4.36
N HIS A 263 5.35 0.43 3.54
CA HIS A 263 6.51 -0.33 3.87
C HIS A 263 7.74 0.53 3.73
N GLY A 264 8.63 0.39 4.72
CA GLY A 264 9.81 1.26 4.86
C GLY A 264 9.61 2.38 5.86
N ASN A 265 8.36 2.64 6.23
CA ASN A 265 7.97 3.60 7.27
C ASN A 265 7.33 2.85 8.40
N ASP A 266 6.10 2.41 8.18
CA ASP A 266 5.32 1.80 9.24
C ASP A 266 5.50 0.34 9.45
N ILE A 267 6.00 -0.37 8.45
CA ILE A 267 6.35 -1.77 8.55
C ILE A 267 7.71 -1.92 7.89
N THR A 268 8.50 -2.84 8.43
CA THR A 268 9.85 -3.07 7.97
C THR A 268 10.19 -4.54 8.28
N PRO A 269 11.33 -5.02 7.79
CA PRO A 269 11.71 -6.39 8.15
C PRO A 269 11.97 -6.61 9.63
N ASP A 270 11.98 -5.53 10.41
CA ASP A 270 12.05 -5.61 11.88
C ASP A 270 10.70 -5.64 12.62
N THR A 271 9.57 -5.54 11.90
CA THR A 271 8.27 -5.55 12.48
C THR A 271 7.55 -6.78 11.98
N THR A 272 7.10 -7.62 12.88
CA THR A 272 6.24 -8.71 12.54
C THR A 272 4.81 -8.23 12.33
N PRO A 273 3.93 -9.07 11.74
CA PRO A 273 2.56 -8.63 11.61
C PRO A 273 1.88 -8.45 12.96
N ILE A 274 2.42 -9.11 13.99
CA ILE A 274 1.87 -8.99 15.33
C ILE A 274 2.13 -7.57 15.81
N ASP A 275 3.39 -7.11 15.72
CA ASP A 275 3.72 -5.74 16.15
C ASP A 275 2.91 -4.73 15.32
N ALA A 276 2.77 -4.99 14.02
CA ALA A 276 2.12 -4.10 13.10
C ALA A 276 0.60 -4.12 13.10
N ALA A 277 0.01 -4.99 13.91
CA ALA A 277 -1.45 -5.20 13.93
C ALA A 277 -2.02 -5.47 12.54
N LEU A 278 -1.39 -6.44 11.87
CA LEU A 278 -1.79 -6.87 10.54
C LEU A 278 -2.03 -8.40 10.53
N THR A 279 -2.13 -9.05 11.70
CA THR A 279 -2.31 -10.51 11.71
C THR A 279 -3.64 -10.90 11.08
N TRP A 280 -4.59 -9.97 10.98
CA TRP A 280 -5.91 -10.21 10.36
C TRP A 280 -5.77 -10.78 8.93
N ALA A 281 -4.64 -10.47 8.29
CA ALA A 281 -4.38 -10.92 6.91
C ALA A 281 -4.13 -12.44 6.77
N VAL A 282 -3.92 -13.15 7.88
CA VAL A 282 -3.63 -14.58 7.89
C VAL A 282 -4.78 -15.26 8.61
N PRO A 283 -5.71 -15.89 7.84
CA PRO A 283 -6.88 -16.56 8.44
C PRO A 283 -6.48 -17.74 9.31
N LYS A 284 -7.39 -18.14 10.19
CA LYS A 284 -7.15 -19.24 11.14
C LYS A 284 -6.69 -20.51 10.46
N ASN A 285 -7.28 -20.89 9.33
CA ASN A 285 -6.92 -22.16 8.67
C ASN A 285 -5.46 -22.17 8.21
N VAL A 286 -5.01 -21.00 7.79
CA VAL A 286 -3.64 -20.87 7.33
C VAL A 286 -2.68 -20.95 8.50
N ARG A 287 -3.08 -20.33 9.62
CA ARG A 287 -2.29 -20.41 10.85
C ARG A 287 -2.17 -21.84 11.34
N GLU A 288 -3.27 -22.54 11.25
CA GLU A 288 -3.34 -23.91 11.74
C GLU A 288 -2.55 -24.87 10.87
N LYS A 289 -2.59 -24.68 9.55
CA LYS A 289 -1.77 -25.48 8.64
C LYS A 289 -0.28 -25.16 8.79
N ALA A 290 0.04 -23.87 8.98
CA ALA A 290 1.41 -23.47 9.24
C ALA A 290 2.39 -23.93 8.19
N GLN A 291 2.03 -23.81 6.91
CA GLN A 291 2.90 -24.31 5.84
C GLN A 291 3.74 -23.20 5.16
N PHE A 292 3.49 -21.94 5.53
CA PHE A 292 4.22 -20.84 4.91
C PHE A 292 5.56 -20.58 5.56
N TYR A 293 6.46 -20.00 4.77
CA TYR A 293 7.77 -19.55 5.19
C TYR A 293 7.60 -18.46 6.29
N GLY A 294 8.23 -18.66 7.45
CA GLY A 294 8.07 -17.78 8.61
C GLY A 294 7.03 -18.23 9.61
N ALA A 295 6.28 -19.32 9.34
CA ALA A 295 5.16 -19.71 10.18
C ALA A 295 5.54 -19.93 11.65
N LYS A 296 6.65 -20.61 11.90
CA LYS A 296 6.99 -20.96 13.30
C LYS A 296 7.16 -19.67 14.09
N ALA A 297 7.96 -18.74 13.58
CA ALA A 297 8.19 -17.40 14.26
C ALA A 297 6.90 -16.59 14.32
N PHE A 298 6.06 -16.65 13.29
CA PHE A 298 4.77 -15.96 13.31
C PHE A 298 3.86 -16.45 14.46
N LEU A 299 3.73 -17.77 14.55
CA LEU A 299 2.94 -18.46 15.60
C LEU A 299 3.51 -18.16 17.01
N GLU A 300 4.81 -18.20 17.16
CA GLU A 300 5.44 -17.85 18.46
C GLU A 300 5.21 -16.38 18.84
N SER A 301 5.31 -15.49 17.86
CA SER A 301 5.06 -14.08 18.14
C SER A 301 3.60 -13.82 18.57
N LEU A 302 2.69 -14.55 17.99
CA LEU A 302 1.30 -14.45 18.26
C LEU A 302 0.99 -14.86 19.73
N GLN A 303 1.66 -15.90 20.18
CA GLN A 303 1.59 -16.36 21.57
C GLN A 303 2.26 -15.40 22.56
N LYS A 304 3.49 -15.00 22.26
CA LYS A 304 4.24 -14.07 23.10
C LYS A 304 3.62 -12.64 23.15
N GLY A 305 2.85 -12.23 22.13
CA GLY A 305 2.34 -10.85 22.06
C GLY A 305 3.34 -9.84 21.47
N PRO A 306 2.85 -8.65 21.14
CA PRO A 306 3.72 -7.68 20.40
C PRO A 306 4.90 -7.12 21.22
N SER A 307 6.05 -6.86 20.57
CA SER A 307 7.22 -6.23 21.23
C SER A 307 7.11 -4.68 21.21
N ARG A 308 6.26 -4.17 20.33
CA ARG A 308 5.87 -2.76 20.23
C ARG A 308 4.62 -2.79 19.36
N CYS A 309 3.85 -1.71 19.32
CA CYS A 309 2.50 -1.75 18.70
C CYS A 309 2.32 -0.60 17.74
N ARG A 310 1.89 -0.89 16.50
CA ARG A 310 1.56 0.19 15.56
C ARG A 310 0.22 0.83 15.90
N VAL A 311 0.26 2.14 16.10
CA VAL A 311 -0.87 2.90 16.46
C VAL A 311 -1.05 4.18 15.64
N GLY A 312 -2.31 4.60 15.54
CA GLY A 312 -2.58 5.94 15.09
C GLY A 312 -2.21 6.93 16.15
N LEU A 313 -1.79 8.13 15.74
CA LEU A 313 -1.41 9.20 16.64
C LEU A 313 -2.00 10.52 16.17
N LYS A 314 -2.58 11.27 17.08
CA LYS A 314 -3.14 12.59 16.78
C LYS A 314 -2.37 13.64 17.51
N PRO A 315 -1.51 14.39 16.80
CA PRO A 315 -0.78 15.51 17.41
C PRO A 315 -1.74 16.56 17.94
N GLN A 316 -1.45 17.07 19.13
CA GLN A 316 -2.29 18.14 19.78
C GLN A 316 -1.65 19.45 19.42
N THR A 317 -1.73 19.76 18.15
CA THR A 317 -1.08 20.95 17.62
C THR A 317 -1.61 21.02 16.20
N ARG A 318 -1.54 22.21 15.59
CA ARG A 318 -2.01 22.37 14.21
C ARG A 318 -0.88 22.04 13.24
N GLN A 319 0.36 22.03 13.75
CA GLN A 319 1.53 21.73 12.92
C GLN A 319 1.87 20.23 12.89
N PRO A 320 2.01 19.65 11.68
CA PRO A 320 2.33 18.20 11.67
C PRO A 320 3.61 17.82 12.41
N ILE A 321 3.59 16.60 12.94
CA ILE A 321 4.74 15.93 13.45
C ILE A 321 5.06 14.90 12.40
N ARG A 322 6.33 14.86 11.98
CA ARG A 322 6.81 14.03 10.89
C ARG A 322 7.45 12.72 11.29
N ALA A 323 7.55 11.83 10.29
CA ALA A 323 8.27 10.59 10.44
C ALA A 323 9.64 10.83 11.08
N GLY A 324 9.99 9.97 12.03
CA GLY A 324 11.25 10.02 12.76
C GLY A 324 11.20 10.74 14.10
N ALA A 325 10.13 11.50 14.34
CA ALA A 325 9.94 12.11 15.66
C ALA A 325 9.97 11.06 16.80
N VAL A 326 10.80 11.30 17.82
CA VAL A 326 10.94 10.35 18.88
C VAL A 326 9.78 10.52 19.89
N LEU A 327 9.22 9.41 20.38
CA LEU A 327 8.12 9.46 21.37
C LEU A 327 8.60 9.08 22.75
N PHE A 328 8.16 9.88 23.69
CA PHE A 328 8.50 9.74 25.10
C PHE A 328 7.26 9.53 25.99
N ASP A 329 7.48 8.93 27.16
CA ASP A 329 6.43 8.86 28.16
C ASP A 329 6.34 10.17 28.95
N ASN A 330 5.46 10.25 29.93
CA ASN A 330 5.28 11.48 30.69
C ASN A 330 6.47 11.79 31.62
N GLU A 331 7.46 10.92 31.69
CA GLU A 331 8.63 11.20 32.56
C GLU A 331 9.86 11.39 31.72
N GLY A 332 9.69 11.43 30.41
CA GLY A 332 10.80 11.68 29.49
C GLY A 332 11.57 10.46 29.01
N ASN A 333 11.13 9.24 29.33
CA ASN A 333 11.79 8.02 28.86
C ASN A 333 11.36 7.79 27.42
N ARG A 334 12.32 7.47 26.56
CA ARG A 334 12.03 7.17 25.18
C ARG A 334 11.19 5.88 25.15
N ILE A 335 10.05 5.86 24.40
CA ILE A 335 9.20 4.71 24.31
C ILE A 335 8.87 4.30 22.88
N GLY A 336 9.15 5.15 21.90
CA GLY A 336 8.77 4.78 20.54
C GLY A 336 9.11 5.85 19.54
N VAL A 337 8.43 5.86 18.41
CA VAL A 337 8.80 6.71 17.28
C VAL A 337 7.60 6.90 16.37
N VAL A 338 7.46 8.08 15.76
CA VAL A 338 6.55 8.33 14.71
C VAL A 338 7.10 7.78 13.43
N THR A 339 6.33 6.94 12.77
CA THR A 339 6.75 6.33 11.49
C THR A 339 6.22 7.07 10.27
N SER A 340 5.05 7.73 10.40
CA SER A 340 4.45 8.51 9.30
C SER A 340 3.71 9.68 9.90
N GLY A 341 3.74 10.80 9.21
CA GLY A 341 3.01 11.96 9.69
C GLY A 341 2.86 13.03 8.66
N GLY A 342 1.72 13.72 8.67
CA GLY A 342 1.49 14.85 7.80
C GLY A 342 0.18 15.55 8.09
N PHE A 343 -0.15 16.57 7.32
CA PHE A 343 -1.43 17.23 7.43
C PHE A 343 -2.45 16.46 6.64
N GLY A 344 -3.56 16.09 7.26
CA GLY A 344 -4.64 15.43 6.51
C GLY A 344 -5.74 16.42 6.18
N PRO A 345 -5.90 16.84 4.93
CA PRO A 345 -6.89 17.89 4.64
C PRO A 345 -8.34 17.46 4.87
N SER A 346 -8.62 16.17 4.79
CA SER A 346 -9.98 15.66 5.02
C SER A 346 -10.25 15.60 6.51
N PHE A 347 -9.28 15.13 7.27
CA PHE A 347 -9.36 15.11 8.73
C PHE A 347 -9.32 16.54 9.29
N ASP A 348 -8.77 17.47 8.51
CA ASP A 348 -8.53 18.87 8.81
C ASP A 348 -7.65 19.04 10.02
N GLY A 349 -6.55 18.29 10.03
CA GLY A 349 -5.50 18.47 10.99
C GLY A 349 -4.42 17.41 10.83
N PRO A 350 -3.33 17.54 11.60
CA PRO A 350 -2.23 16.54 11.56
C PRO A 350 -2.73 15.13 11.88
N VAL A 351 -2.20 14.16 11.13
CA VAL A 351 -2.42 12.74 11.29
C VAL A 351 -1.04 12.10 11.32
N ALA A 352 -0.91 11.02 12.05
CA ALA A 352 0.28 10.27 12.11
C ALA A 352 0.07 8.83 12.54
N MET A 353 1.12 8.01 12.38
CA MET A 353 1.12 6.64 12.86
CA MET A 353 1.12 6.63 12.77
C MET A 353 2.48 6.38 13.43
N GLY A 354 2.58 5.43 14.35
CA GLY A 354 3.90 5.17 14.93
C GLY A 354 3.83 3.95 15.83
N TYR A 355 4.88 3.73 16.58
CA TYR A 355 5.04 2.60 17.49
C TYR A 355 5.17 3.08 18.89
N VAL A 356 4.44 2.42 19.79
CA VAL A 356 4.52 2.63 21.25
C VAL A 356 4.54 1.22 21.88
N PRO A 357 5.01 1.11 23.14
CA PRO A 357 4.93 -0.18 23.78
C PRO A 357 3.50 -0.52 24.09
N VAL A 358 3.26 -1.81 24.31
CA VAL A 358 1.89 -2.26 24.53
C VAL A 358 1.16 -1.53 25.66
N ALA A 359 1.87 -1.19 26.71
CA ALA A 359 1.27 -0.43 27.82
C ALA A 359 0.67 0.92 27.51
N TRP A 360 1.07 1.51 26.37
CA TRP A 360 0.60 2.80 25.95
C TRP A 360 -0.37 2.73 24.80
N LYS A 361 -0.77 1.53 24.40
CA LYS A 361 -1.56 1.44 23.13
C LYS A 361 -3.04 1.76 23.30
N VAL A 362 -3.54 1.98 24.51
CA VAL A 362 -4.95 2.30 24.65
C VAL A 362 -5.32 3.62 24.01
N GLU A 363 -6.41 3.62 23.25
CA GLU A 363 -6.95 4.82 22.64
CA GLU A 363 -6.85 4.83 22.59
C GLU A 363 -7.04 5.97 23.62
N GLY A 364 -6.49 7.13 23.30
CA GLY A 364 -6.49 8.30 24.15
C GLY A 364 -5.24 8.50 24.96
N THR A 365 -4.38 7.50 25.00
CA THR A 365 -3.12 7.58 25.81
C THR A 365 -2.27 8.76 25.29
N GLU A 366 -1.87 9.62 26.20
CA GLU A 366 -0.87 10.71 25.91
C GLU A 366 0.55 10.16 25.81
N VAL A 367 1.21 10.57 24.70
CA VAL A 367 2.65 10.40 24.51
C VAL A 367 3.17 11.74 24.08
N PHE A 368 4.49 11.87 24.06
CA PHE A 368 5.08 13.19 23.83
C PHE A 368 6.26 13.13 22.88
N THR A 369 6.46 14.26 22.23
CA THR A 369 7.72 14.51 21.43
C THR A 369 8.25 15.88 21.76
N GLU A 370 9.42 16.21 21.24
CA GLU A 370 10.02 17.48 21.54
C GLU A 370 10.08 18.33 20.27
N LEU A 371 9.71 19.59 20.39
CA LEU A 371 9.83 20.54 19.27
C LEU A 371 10.36 21.85 19.79
N ARG A 372 11.50 22.31 19.25
CA ARG A 372 12.17 23.57 19.70
C ARG A 372 12.32 23.58 21.20
N GLY A 373 12.69 22.44 21.74
CA GLY A 373 12.93 22.27 23.14
C GLY A 373 11.70 22.30 24.03
N LYS A 374 10.51 22.22 23.44
CA LYS A 374 9.25 22.15 24.20
C LYS A 374 8.61 20.77 24.01
N LYS A 375 7.99 20.28 25.05
CA LYS A 375 7.32 19.01 25.01
C LYS A 375 5.93 19.19 24.37
N ILE A 376 5.62 18.36 23.37
CA ILE A 376 4.41 18.43 22.58
C ILE A 376 3.62 17.13 22.77
N ALA A 377 2.32 17.19 23.01
CA ALA A 377 1.54 15.97 23.28
C ALA A 377 0.93 15.41 22.00
N LEU A 378 0.87 14.12 21.90
CA LEU A 378 0.06 13.40 20.87
C LEU A 378 -0.87 12.44 21.66
N SER A 379 -2.02 12.08 21.11
CA SER A 379 -2.79 11.04 21.75
CA SER A 379 -2.90 11.06 21.68
C SER A 379 -2.92 9.86 20.79
N VAL A 380 -2.89 8.67 21.36
CA VAL A 380 -3.08 7.48 20.58
C VAL A 380 -4.52 7.51 20.07
N HIS A 381 -4.72 7.23 18.78
CA HIS A 381 -5.96 7.53 18.07
C HIS A 381 -6.32 6.30 17.23
N SER A 382 -7.65 6.04 17.15
CA SER A 382 -8.15 5.00 16.26
C SER A 382 -7.81 5.25 14.79
N LEU A 383 -7.68 4.15 14.05
CA LEU A 383 -7.52 4.23 12.60
C LEU A 383 -8.71 3.51 11.96
N PRO A 384 -9.15 3.96 10.77
CA PRO A 384 -8.63 5.11 10.04
C PRO A 384 -9.09 6.42 10.65
N PHE A 385 -8.42 7.51 10.27
CA PHE A 385 -8.84 8.82 10.66
C PHE A 385 -10.07 9.30 9.93
N VAL A 386 -10.19 8.89 8.67
CA VAL A 386 -11.28 9.27 7.81
C VAL A 386 -12.01 7.99 7.37
N GLU A 387 -13.34 8.07 7.32
CA GLU A 387 -14.18 6.93 7.03
C GLU A 387 -13.89 6.38 5.62
N GLN A 388 -13.73 5.06 5.54
CA GLN A 388 -13.51 4.39 4.27
C GLN A 388 -14.78 4.26 3.49
N ARG A 389 -14.66 4.39 2.14
CA ARG A 389 -15.81 4.42 1.24
CA ARG A 389 -15.78 4.47 1.18
C ARG A 389 -15.61 3.41 0.08
N TYR A 390 -15.16 2.20 0.43
CA TYR A 390 -14.97 1.14 -0.53
C TYR A 390 -16.29 0.69 -1.15
N PHE A 391 -16.28 0.21 -2.38
CA PHE A 391 -17.50 -0.21 -3.09
C PHE A 391 -18.15 -1.40 -2.32
N LYS A 392 -19.46 -1.37 -2.14
CA LYS A 392 -20.19 -2.42 -1.37
C LYS A 392 -21.13 -3.21 -2.27
NA NA B . -9.08 16.37 -16.41
#